data_2R4V
#
_entry.id   2R4V
#
_cell.length_a   44.015
_cell.length_b   74.722
_cell.length_c   79.827
_cell.angle_alpha   90.00
_cell.angle_beta   90.00
_cell.angle_gamma   90.00
#
_symmetry.space_group_name_H-M   'P 21 21 21'
#
loop_
_entity.id
_entity.type
_entity.pdbx_description
1 polymer 'Chloride intracellular channel protein 2'
2 non-polymer GLUTATHIONE
3 water water
#
_entity_poly.entity_id   1
_entity_poly.type   'polypeptide(L)'
_entity_poly.pdbx_seq_one_letter_code
;MSGLRPGTQVDPEIELFVKAGSDGESIGNCPFCQRLFMILWLKGVKFNVTTVDMTRKPEELKDLAPGTNPPFLVYNKELK
TDFIKIEEFLEQTLAPPRYPHLSPKYKESFDVGCNLFAKFSAYIKNTQKEANKNFEKSLLKEFKRLDDYLNTPLLDEIDP
DSAEEPPVSRRLFLDGDQLTLADCSLLPKLNIIKVAAKKYRDFDIPAEFSGVWRYLHNAYAREEFTHTCPEDKEIENTYA
NVAKQKS
;
_entity_poly.pdbx_strand_id   A
#
# COMPACT_ATOMS: atom_id res chain seq x y z
N VAL A 10 -6.74 -12.24 -25.49
CA VAL A 10 -6.08 -11.09 -26.18
C VAL A 10 -5.84 -9.93 -25.18
N ASP A 11 -4.64 -9.86 -24.65
CA ASP A 11 -4.26 -8.78 -23.76
C ASP A 11 -3.20 -7.93 -24.48
N PRO A 12 -2.94 -6.71 -23.97
CA PRO A 12 -1.72 -5.99 -24.33
C PRO A 12 -0.52 -6.73 -23.81
N GLU A 13 0.67 -6.36 -24.30
CA GLU A 13 1.92 -6.95 -23.81
C GLU A 13 2.47 -6.03 -22.74
N ILE A 14 2.61 -6.55 -21.52
CA ILE A 14 3.04 -5.77 -20.35
C ILE A 14 4.16 -6.46 -19.56
N GLU A 15 5.28 -5.78 -19.42
CA GLU A 15 6.32 -6.16 -18.46
C GLU A 15 6.52 -5.01 -17.47
N LEU A 16 6.37 -5.32 -16.20
CA LEU A 16 6.62 -4.38 -15.12
C LEU A 16 8.01 -4.65 -14.57
N PHE A 17 8.81 -3.61 -14.48
CA PHE A 17 10.13 -3.72 -13.91
C PHE A 17 10.11 -3.13 -12.52
N VAL A 18 10.42 -3.98 -11.54
CA VAL A 18 10.44 -3.59 -10.13
C VAL A 18 11.85 -3.75 -9.56
N LYS A 19 12.04 -3.17 -8.38
CA LYS A 19 13.34 -3.18 -7.72
C LYS A 19 13.61 -4.53 -7.07
N ALA A 20 14.79 -5.09 -7.33
CA ALA A 20 15.18 -6.32 -6.71
C ALA A 20 15.67 -6.10 -5.29
N GLY A 21 15.56 -7.14 -4.48
CA GLY A 21 16.12 -7.14 -3.13
C GLY A 21 17.58 -7.51 -3.02
N SER A 22 18.02 -7.86 -1.81
CA SER A 22 19.44 -7.97 -1.53
C SER A 22 20.16 -9.00 -2.41
N ASP A 23 19.49 -10.10 -2.77
CA ASP A 23 20.14 -11.11 -3.59
C ASP A 23 20.17 -10.79 -5.10
N GLY A 24 19.59 -9.66 -5.46
CA GLY A 24 19.56 -9.20 -6.83
C GLY A 24 18.46 -9.79 -7.72
N GLU A 25 17.65 -10.66 -7.13
CA GLU A 25 16.58 -11.32 -7.88
C GLU A 25 15.21 -11.18 -7.22
N SER A 26 15.18 -11.32 -5.90
CA SER A 26 13.93 -11.27 -5.15
C SER A 26 13.25 -9.91 -5.27
N ILE A 27 11.97 -9.86 -4.88
CA ILE A 27 11.23 -8.61 -4.77
C ILE A 27 11.83 -7.72 -3.67
N GLY A 28 12.27 -6.50 -4.01
CA GLY A 28 12.90 -5.61 -3.02
C GLY A 28 11.87 -4.72 -2.36
N ASN A 29 12.30 -3.88 -1.42
CA ASN A 29 11.39 -2.92 -0.82
C ASN A 29 11.19 -1.68 -1.73
N CYS A 30 9.99 -1.55 -2.28
CA CYS A 30 9.66 -0.45 -3.17
C CYS A 30 8.15 -0.25 -3.23
N PRO A 31 7.60 0.67 -2.42
CA PRO A 31 6.15 0.68 -2.32
C PRO A 31 5.42 1.11 -3.60
N PHE A 32 6.09 1.86 -4.44
CA PHE A 32 5.47 2.23 -5.69
C PHE A 32 5.51 1.05 -6.69
N CYS A 33 6.58 0.26 -6.66
CA CYS A 33 6.60 -1.00 -7.42
C CYS A 33 5.45 -1.92 -6.98
N GLN A 34 5.30 -2.15 -5.66
CA GLN A 34 4.23 -3.00 -5.15
C GLN A 34 2.85 -2.50 -5.53
N ARG A 35 2.68 -1.18 -5.46
CA ARG A 35 1.43 -0.55 -5.89
C ARG A 35 1.05 -0.94 -7.32
N LEU A 36 1.97 -0.76 -8.26
CA LEU A 36 1.75 -1.13 -9.69
C LEU A 36 1.58 -2.63 -9.90
N PHE A 37 2.33 -3.44 -9.17
CA PHE A 37 2.19 -4.90 -9.20
C PHE A 37 0.75 -5.29 -8.79
N MET A 38 0.27 -4.67 -7.71
CA MET A 38 -1.09 -4.89 -7.21
C MET A 38 -2.15 -4.46 -8.23
N ILE A 39 -1.98 -3.28 -8.81
CA ILE A 39 -2.88 -2.77 -9.82
C ILE A 39 -3.02 -3.77 -10.99
N LEU A 40 -1.89 -4.29 -11.48
CA LEU A 40 -1.90 -5.17 -12.63
C LEU A 40 -2.58 -6.49 -12.31
N TRP A 41 -2.27 -7.03 -11.15
CA TRP A 41 -2.89 -8.25 -10.66
C TRP A 41 -4.42 -8.08 -10.56
N LEU A 42 -4.87 -6.99 -9.94
CA LEU A 42 -6.31 -6.75 -9.73
C LEU A 42 -7.06 -6.41 -11.01
N LYS A 43 -6.35 -5.91 -12.01
CA LYS A 43 -6.91 -5.73 -13.36
C LYS A 43 -7.24 -7.03 -14.10
N GLY A 44 -6.61 -8.14 -13.72
CA GLY A 44 -6.82 -9.44 -14.38
C GLY A 44 -6.09 -9.60 -15.72
N VAL A 45 -5.19 -8.69 -16.03
CA VAL A 45 -4.46 -8.71 -17.29
C VAL A 45 -3.24 -9.62 -17.17
N LYS A 46 -2.80 -10.18 -18.29
CA LYS A 46 -1.58 -10.95 -18.31
C LYS A 46 -0.42 -9.96 -18.25
N PHE A 47 0.61 -10.28 -17.47
CA PHE A 47 1.80 -9.45 -17.36
C PHE A 47 2.95 -10.23 -16.75
N ASN A 48 4.16 -9.80 -17.06
CA ASN A 48 5.35 -10.36 -16.46
C ASN A 48 5.97 -9.30 -15.55
N VAL A 49 6.69 -9.77 -14.54
CA VAL A 49 7.41 -8.90 -13.63
C VAL A 49 8.87 -9.29 -13.68
N THR A 50 9.75 -8.31 -13.91
CA THR A 50 11.22 -8.50 -13.94
C THR A 50 11.79 -7.64 -12.82
N THR A 51 12.67 -8.20 -12.02
CA THR A 51 13.33 -7.44 -10.98
C THR A 51 14.64 -6.87 -11.51
N VAL A 52 14.95 -5.66 -11.05
CA VAL A 52 16.14 -4.92 -11.47
C VAL A 52 17.08 -4.78 -10.27
N ASP A 53 18.32 -5.25 -10.43
CA ASP A 53 19.33 -5.18 -9.37
C ASP A 53 19.91 -3.78 -9.42
N MET A 54 19.69 -3.03 -8.34
CA MET A 54 20.11 -1.63 -8.24
C MET A 54 21.51 -1.48 -7.68
N THR A 55 22.13 -2.58 -7.25
CA THR A 55 23.56 -2.59 -6.99
C THR A 55 24.24 -2.86 -8.32
N PRO A 66 16.78 2.87 -21.00
CA PRO A 66 17.09 2.56 -19.59
C PRO A 66 16.06 3.13 -18.59
N GLY A 67 16.07 4.46 -18.43
CA GLY A 67 15.25 5.12 -17.39
C GLY A 67 15.99 5.31 -16.08
N THR A 68 15.26 5.66 -15.02
CA THR A 68 15.83 5.85 -13.68
C THR A 68 15.53 4.68 -12.74
N ASN A 69 15.40 4.95 -11.44
CA ASN A 69 14.91 3.97 -10.48
C ASN A 69 13.60 3.30 -10.92
N PRO A 70 13.42 2.00 -10.56
CA PRO A 70 12.11 1.42 -10.78
C PRO A 70 11.06 2.06 -9.85
N PRO A 71 9.78 1.86 -10.17
CA PRO A 71 9.35 0.99 -11.25
C PRO A 71 9.27 1.69 -12.61
N PHE A 72 9.43 0.90 -13.67
CA PHE A 72 9.03 1.34 -15.01
C PHE A 72 8.33 0.18 -15.69
N LEU A 73 7.68 0.47 -16.80
CA LEU A 73 6.77 -0.46 -17.44
C LEU A 73 7.00 -0.36 -18.95
N VAL A 74 6.99 -1.52 -19.61
CA VAL A 74 6.95 -1.57 -21.07
C VAL A 74 5.58 -2.09 -21.45
N TYR A 75 4.91 -1.34 -22.32
CA TYR A 75 3.53 -1.59 -22.66
C TYR A 75 3.46 -1.53 -24.18
N ASN A 76 3.10 -2.66 -24.80
CA ASN A 76 3.19 -2.83 -26.25
C ASN A 76 4.50 -2.26 -26.84
N LYS A 77 5.64 -2.65 -26.27
CA LYS A 77 6.94 -2.22 -26.78
C LYS A 77 7.35 -0.78 -26.42
N GLU A 78 6.46 -0.03 -25.79
CA GLU A 78 6.73 1.35 -25.41
C GLU A 78 7.12 1.49 -23.93
N LEU A 79 8.26 2.11 -23.68
CA LEU A 79 8.76 2.36 -22.31
C LEU A 79 8.07 3.53 -21.60
N LYS A 80 7.61 3.29 -20.36
CA LYS A 80 7.04 4.35 -19.50
C LYS A 80 7.76 4.41 -18.15
N THR A 81 8.29 5.59 -17.83
CA THR A 81 9.13 5.80 -16.64
C THR A 81 8.51 6.72 -15.58
N ASP A 82 7.62 7.63 -15.97
CA ASP A 82 6.94 8.52 -15.02
C ASP A 82 5.89 7.70 -14.29
N PHE A 83 6.15 7.30 -13.06
CA PHE A 83 5.32 6.24 -12.50
C PHE A 83 3.97 6.70 -11.92
N ILE A 84 3.83 7.99 -11.59
CA ILE A 84 2.49 8.52 -11.31
C ILE A 84 1.64 8.40 -12.56
N LYS A 85 2.22 8.75 -13.69
CA LYS A 85 1.58 8.61 -15.00
C LYS A 85 1.30 7.14 -15.37
N ILE A 86 2.12 6.20 -14.91
CA ILE A 86 1.89 4.77 -15.18
C ILE A 86 0.56 4.35 -14.54
N GLU A 87 0.36 4.74 -13.29
CA GLU A 87 -0.88 4.39 -12.59
C GLU A 87 -2.11 4.85 -13.35
N GLU A 88 -2.18 6.13 -13.73
CA GLU A 88 -3.38 6.66 -14.40
C GLU A 88 -3.59 6.05 -15.80
N PHE A 89 -2.49 5.76 -16.49
CA PHE A 89 -2.54 5.09 -17.79
C PHE A 89 -3.14 3.67 -17.66
N LEU A 90 -2.60 2.87 -16.72
CA LEU A 90 -3.13 1.52 -16.48
C LEU A 90 -4.62 1.56 -16.15
N GLU A 91 -5.01 2.45 -15.23
CA GLU A 91 -6.42 2.51 -14.77
C GLU A 91 -7.35 2.84 -15.91
N GLN A 92 -6.93 3.75 -16.74
CA GLN A 92 -7.68 4.24 -17.89
C GLN A 92 -7.64 3.22 -19.02
N THR A 93 -6.43 2.84 -19.40
CA THR A 93 -6.22 2.00 -20.57
C THR A 93 -6.92 0.66 -20.41
N LEU A 94 -6.62 -0.01 -19.30
CA LEU A 94 -7.20 -1.32 -19.02
C LEU A 94 -8.59 -1.09 -18.42
N ALA A 95 -9.59 -0.99 -19.29
CA ALA A 95 -10.92 -0.56 -18.90
C ALA A 95 -11.96 -1.63 -19.24
N PRO A 96 -13.18 -1.50 -18.70
CA PRO A 96 -14.22 -2.46 -19.10
C PRO A 96 -14.56 -2.36 -20.60
N PRO A 97 -15.27 -3.36 -21.15
CA PRO A 97 -15.77 -4.56 -20.46
C PRO A 97 -14.69 -5.53 -19.98
N ARG A 98 -13.51 -5.50 -20.60
CA ARG A 98 -12.47 -6.52 -20.36
C ARG A 98 -11.85 -6.52 -18.95
N TYR A 99 -11.54 -5.35 -18.39
CA TYR A 99 -10.93 -5.24 -17.05
C TYR A 99 -11.69 -4.21 -16.19
N PRO A 100 -11.69 -4.38 -14.84
CA PRO A 100 -12.38 -3.45 -13.95
C PRO A 100 -11.64 -2.14 -13.76
N HIS A 101 -12.40 -1.05 -13.67
CA HIS A 101 -11.88 0.18 -13.11
C HIS A 101 -11.63 -0.10 -11.62
N LEU A 102 -10.51 0.38 -11.12
CA LEU A 102 -10.15 0.16 -9.74
C LEU A 102 -10.25 1.43 -8.89
N SER A 103 -10.57 2.55 -9.52
CA SER A 103 -10.68 3.80 -8.81
C SER A 103 -11.74 3.66 -7.73
N PRO A 104 -11.50 4.33 -6.60
CA PRO A 104 -12.46 4.33 -5.51
C PRO A 104 -13.77 5.10 -5.77
N LYS A 105 -14.83 4.62 -5.12
CA LYS A 105 -16.15 5.26 -5.06
C LYS A 105 -16.04 6.61 -4.37
N TYR A 106 -15.29 6.66 -3.27
CA TYR A 106 -15.15 7.89 -2.47
C TYR A 106 -13.69 8.37 -2.46
N LYS A 107 -13.48 9.64 -2.80
CA LYS A 107 -12.13 10.25 -2.75
C LYS A 107 -11.46 10.19 -1.37
N GLU A 108 -12.24 10.33 -0.32
CA GLU A 108 -11.71 10.26 1.04
C GLU A 108 -10.92 8.97 1.29
N SER A 109 -11.21 7.92 0.51
CA SER A 109 -10.43 6.68 0.56
C SER A 109 -8.94 6.90 0.17
N PHE A 110 -8.67 7.80 -0.77
CA PHE A 110 -7.29 8.28 -1.02
C PHE A 110 -6.77 9.21 0.06
N ASP A 111 -7.51 10.29 0.29
CA ASP A 111 -7.07 11.37 1.16
C ASP A 111 -6.63 10.82 2.52
N VAL A 112 -7.38 9.85 3.04
CA VAL A 112 -7.06 9.30 4.35
C VAL A 112 -5.70 8.59 4.24
N GLY A 113 -4.89 8.67 5.26
CA GLY A 113 -3.55 8.08 5.13
C GLY A 113 -2.58 8.77 4.15
N CYS A 114 -2.95 9.88 3.52
CA CYS A 114 -2.01 10.55 2.62
C CYS A 114 -0.77 11.08 3.39
N ASN A 115 -0.91 11.33 4.70
CA ASN A 115 0.22 11.81 5.51
C ASN A 115 0.89 10.77 6.37
N LEU A 116 0.29 9.58 6.43
CA LEU A 116 0.79 8.53 7.31
C LEU A 116 2.25 8.18 7.07
N PHE A 117 2.63 7.96 5.82
CA PHE A 117 3.99 7.57 5.53
C PHE A 117 5.02 8.61 5.93
N ALA A 118 4.72 9.88 5.69
CA ALA A 118 5.60 11.00 6.05
C ALA A 118 5.81 11.09 7.58
N LYS A 119 4.74 10.85 8.33
CA LYS A 119 4.85 10.86 9.79
C LYS A 119 5.72 9.69 10.25
N PHE A 120 5.57 8.53 9.62
CA PHE A 120 6.46 7.38 9.92
C PHE A 120 7.91 7.70 9.55
N SER A 121 8.10 8.34 8.39
CA SER A 121 9.44 8.62 7.89
C SER A 121 10.23 9.54 8.84
N ALA A 122 9.57 10.51 9.46
CA ALA A 122 10.17 11.39 10.45
C ALA A 122 10.53 10.62 11.72
N TYR A 123 9.57 9.81 12.12
CA TYR A 123 9.67 9.03 13.33
C TYR A 123 10.80 8.02 13.26
N ILE A 124 10.91 7.31 12.14
CA ILE A 124 11.88 6.20 11.98
C ILE A 124 13.32 6.70 11.78
N LYS A 125 13.49 7.92 11.31
CA LYS A 125 14.83 8.50 11.18
C LYS A 125 15.25 9.46 12.30
N ASN A 126 14.34 9.77 13.22
CA ASN A 126 14.65 10.53 14.40
C ASN A 126 15.76 9.82 15.20
N THR A 127 16.88 10.49 15.46
CA THR A 127 17.93 9.87 16.26
C THR A 127 17.98 10.36 17.69
N GLN A 128 17.03 11.21 18.08
CA GLN A 128 17.05 11.87 19.41
C GLN A 128 16.06 11.13 20.29
N LYS A 129 16.58 10.34 21.24
CA LYS A 129 15.74 9.45 22.06
C LYS A 129 14.67 10.24 22.82
N GLU A 130 15.05 11.46 23.19
CA GLU A 130 14.16 12.35 23.94
C GLU A 130 12.96 12.88 23.13
N ALA A 131 13.02 12.82 21.81
CA ALA A 131 11.91 13.19 20.91
C ALA A 131 11.02 12.00 20.50
N ASN A 132 11.42 10.78 20.88
CA ASN A 132 10.70 9.58 20.50
C ASN A 132 9.20 9.66 20.82
N LYS A 133 8.86 10.05 22.05
CA LYS A 133 7.46 10.15 22.46
C LYS A 133 6.66 11.08 21.54
N ASN A 134 7.22 12.25 21.23
CA ASN A 134 6.56 13.19 20.32
C ASN A 134 6.38 12.66 18.90
N PHE A 135 7.40 12.03 18.35
CA PHE A 135 7.28 11.43 17.03
C PHE A 135 6.29 10.28 17.04
N GLU A 136 6.28 9.47 18.11
CA GLU A 136 5.29 8.37 18.16
C GLU A 136 3.87 8.89 18.22
N LYS A 137 3.64 9.91 19.04
CA LYS A 137 2.33 10.55 19.15
C LYS A 137 1.83 11.05 17.79
N SER A 138 2.71 11.64 16.99
CA SER A 138 2.33 12.14 15.66
C SER A 138 1.93 11.01 14.68
N LEU A 139 2.68 9.90 14.71
CA LEU A 139 2.35 8.70 13.94
C LEU A 139 0.97 8.18 14.42
N LEU A 140 0.83 8.07 15.73
CA LEU A 140 -0.40 7.58 16.33
C LEU A 140 -1.64 8.41 15.91
N LYS A 141 -1.51 9.74 15.89
CA LYS A 141 -2.60 10.64 15.44
C LYS A 141 -3.10 10.32 14.01
N GLU A 142 -2.18 9.96 13.11
CA GLU A 142 -2.54 9.51 11.77
C GLU A 142 -3.20 8.14 11.75
N PHE A 143 -2.68 7.19 12.52
CA PHE A 143 -3.34 5.90 12.67
C PHE A 143 -4.77 6.03 13.20
N LYS A 144 -4.97 6.95 14.15
CA LYS A 144 -6.30 7.21 14.68
C LYS A 144 -7.29 7.70 13.62
N ARG A 145 -6.80 8.62 12.80
CA ARG A 145 -7.56 9.16 11.65
C ARG A 145 -8.00 8.10 10.63
N LEU A 146 -7.09 7.14 10.39
CA LEU A 146 -7.35 6.03 9.48
C LEU A 146 -8.37 5.10 10.11
N ASP A 147 -8.14 4.80 11.39
CA ASP A 147 -9.01 3.97 12.18
C ASP A 147 -10.47 4.49 12.20
N ASP A 148 -10.62 5.81 12.41
CA ASP A 148 -11.93 6.47 12.36
C ASP A 148 -12.57 6.34 10.98
N TYR A 149 -11.77 6.50 9.92
CA TYR A 149 -12.30 6.30 8.58
C TYR A 149 -12.82 4.87 8.40
N LEU A 150 -12.12 3.89 8.95
CA LEU A 150 -12.42 2.47 8.75
C LEU A 150 -13.55 1.91 9.63
N ASN A 151 -13.72 2.49 10.81
CA ASN A 151 -14.82 2.10 11.72
C ASN A 151 -16.16 2.82 11.39
N THR A 152 -16.06 3.96 10.71
CA THR A 152 -17.22 4.77 10.36
C THR A 152 -17.85 4.26 9.07
N PRO A 153 -19.16 3.89 9.13
CA PRO A 153 -19.77 3.37 7.91
C PRO A 153 -19.71 4.35 6.76
N LEU A 154 -19.32 3.83 5.59
CA LEU A 154 -19.44 4.58 4.36
C LEU A 154 -20.90 4.86 4.07
N LEU A 155 -21.11 5.85 3.24
CA LEU A 155 -22.45 6.28 2.96
C LEU A 155 -23.31 5.21 2.30
N ASP A 156 -22.69 4.16 1.76
CA ASP A 156 -23.42 3.13 1.01
C ASP A 156 -23.80 1.84 1.77
N GLU A 157 -23.56 1.84 3.08
CA GLU A 157 -23.60 0.64 3.90
C GLU A 157 -24.93 0.52 4.62
N ILE A 158 -25.54 -0.63 4.48
CA ILE A 158 -26.80 -0.91 5.09
C ILE A 158 -26.62 -2.21 5.82
N ASP A 159 -26.99 -2.24 7.10
CA ASP A 159 -26.88 -3.46 7.89
C ASP A 159 -27.86 -4.48 7.32
N PRO A 160 -27.42 -5.73 7.17
CA PRO A 160 -28.28 -6.72 6.50
C PRO A 160 -29.43 -7.24 7.38
N ASP A 161 -29.23 -7.24 8.69
CA ASP A 161 -30.28 -7.69 9.64
C ASP A 161 -31.32 -6.62 9.94
N SER A 162 -30.86 -5.36 10.12
CA SER A 162 -31.75 -4.28 10.57
C SER A 162 -32.18 -3.22 9.48
N ALA A 163 -31.44 -3.27 8.33
CA ALA A 163 -31.63 -2.29 7.24
C ALA A 163 -31.37 -0.75 7.62
N GLU A 164 -30.82 -0.55 8.82
CA GLU A 164 -30.30 0.74 9.23
C GLU A 164 -28.77 0.76 9.11
N GLU A 165 -28.19 1.96 9.18
CA GLU A 165 -26.75 2.10 9.03
C GLU A 165 -26.02 1.42 10.17
N PRO A 166 -25.07 0.55 9.84
CA PRO A 166 -24.35 -0.18 10.89
C PRO A 166 -23.76 0.74 11.95
N PRO A 167 -23.71 0.28 13.22
CA PRO A 167 -23.09 1.05 14.30
C PRO A 167 -21.56 1.07 14.23
N VAL A 168 -20.98 0.05 13.58
CA VAL A 168 -19.59 0.05 13.17
C VAL A 168 -19.50 -0.50 11.75
N SER A 169 -18.66 0.11 10.91
CA SER A 169 -18.44 -0.41 9.58
C SER A 169 -17.93 -1.84 9.67
N ARG A 170 -18.36 -2.68 8.76
CA ARG A 170 -17.77 -4.01 8.60
C ARG A 170 -17.32 -4.24 7.19
N ARG A 171 -17.12 -3.18 6.42
CA ARG A 171 -16.61 -3.33 5.06
C ARG A 171 -15.19 -3.83 5.18
N LEU A 172 -14.71 -4.55 4.17
CA LEU A 172 -13.39 -5.18 4.24
C LEU A 172 -12.20 -4.26 4.02
N PHE A 173 -12.36 -3.28 3.12
CA PHE A 173 -11.26 -2.46 2.74
C PHE A 173 -11.56 -0.97 2.86
N LEU A 174 -10.68 -0.13 2.37
CA LEU A 174 -10.86 1.26 2.58
C LEU A 174 -12.15 1.80 2.04
N ASP A 175 -12.48 1.44 0.81
CA ASP A 175 -13.54 2.09 0.06
C ASP A 175 -14.79 1.22 -0.05
N GLY A 176 -14.79 0.04 0.59
CA GLY A 176 -15.82 -0.98 0.29
C GLY A 176 -15.29 -2.39 0.47
N ASP A 177 -15.96 -3.35 -0.19
CA ASP A 177 -15.56 -4.75 -0.07
C ASP A 177 -14.63 -5.27 -1.18
N GLN A 178 -14.22 -4.39 -2.10
CA GLN A 178 -13.23 -4.74 -3.09
C GLN A 178 -11.97 -3.87 -2.98
N LEU A 179 -10.84 -4.45 -3.31
CA LEU A 179 -9.60 -3.69 -3.31
C LEU A 179 -9.68 -2.65 -4.44
N THR A 180 -9.21 -1.45 -4.13
CA THR A 180 -9.20 -0.31 -5.06
C THR A 180 -7.78 0.28 -5.15
N LEU A 181 -7.64 1.29 -6.01
CA LEU A 181 -6.42 2.06 -6.16
C LEU A 181 -5.98 2.58 -4.81
N ALA A 182 -6.94 2.89 -3.94
CA ALA A 182 -6.65 3.46 -2.62
C ALA A 182 -5.89 2.48 -1.74
N ASP A 183 -6.31 1.22 -1.84
CA ASP A 183 -5.67 0.14 -1.13
C ASP A 183 -4.29 -0.16 -1.75
N CYS A 184 -4.20 -0.12 -3.07
CA CYS A 184 -2.91 -0.40 -3.77
C CYS A 184 -1.83 0.62 -3.36
N SER A 185 -2.25 1.86 -3.13
CA SER A 185 -1.36 2.91 -2.65
C SER A 185 -1.02 2.72 -1.18
N LEU A 186 -2.04 2.56 -0.33
CA LEU A 186 -1.81 2.54 1.12
C LEU A 186 -1.23 1.25 1.73
N LEU A 187 -1.72 0.08 1.30
CA LEU A 187 -1.27 -1.18 1.92
C LEU A 187 0.24 -1.42 1.85
N PRO A 188 0.86 -1.16 0.68
CA PRO A 188 2.34 -1.29 0.73
C PRO A 188 3.00 -0.37 1.79
N LYS A 189 2.47 0.84 1.97
CA LYS A 189 2.99 1.79 2.96
C LYS A 189 2.73 1.31 4.38
N LEU A 190 1.54 0.78 4.63
CA LEU A 190 1.23 0.14 5.91
C LEU A 190 2.12 -1.07 6.29
N ASN A 191 2.44 -1.94 5.32
CA ASN A 191 3.41 -3.03 5.53
C ASN A 191 4.80 -2.53 5.97
N ILE A 192 5.29 -1.53 5.29
CA ILE A 192 6.61 -0.96 5.59
C ILE A 192 6.61 -0.41 7.01
N ILE A 193 5.57 0.36 7.33
CA ILE A 193 5.42 0.96 8.68
C ILE A 193 5.41 -0.13 9.73
N LYS A 194 4.53 -1.10 9.54
CA LYS A 194 4.37 -2.23 10.48
C LYS A 194 5.71 -2.93 10.72
N VAL A 195 6.40 -3.27 9.63
CA VAL A 195 7.68 -3.99 9.75
C VAL A 195 8.82 -3.17 10.34
N ALA A 196 9.06 -2.01 9.76
CA ALA A 196 10.16 -1.16 10.14
C ALA A 196 10.02 -0.62 11.56
N ALA A 197 8.81 -0.19 11.94
CA ALA A 197 8.58 0.43 13.25
C ALA A 197 8.69 -0.62 14.37
N LYS A 198 8.28 -1.85 14.08
CA LYS A 198 8.39 -2.91 15.06
C LYS A 198 9.87 -3.22 15.32
N LYS A 199 10.64 -3.40 14.24
CA LYS A 199 12.07 -3.73 14.31
C LYS A 199 12.92 -2.70 15.04
N TYR A 200 12.77 -1.42 14.68
CA TYR A 200 13.63 -0.35 15.17
C TYR A 200 13.10 0.50 16.34
N ARG A 201 11.80 0.44 16.64
CA ARG A 201 11.20 1.21 17.75
C ARG A 201 10.34 0.33 18.65
N ASP A 202 10.36 -0.96 18.37
CA ASP A 202 9.61 -1.96 19.16
C ASP A 202 8.11 -1.56 19.16
N PHE A 203 7.67 -0.85 18.10
CA PHE A 203 6.30 -0.32 17.97
C PHE A 203 5.31 -1.34 17.37
N ASP A 204 4.19 -1.48 18.05
CA ASP A 204 3.07 -2.27 17.58
C ASP A 204 1.92 -1.30 17.31
N ILE A 205 1.25 -1.46 16.16
CA ILE A 205 0.05 -0.69 15.88
C ILE A 205 -0.95 -1.02 17.01
N PRO A 206 -1.38 -0.01 17.81
CA PRO A 206 -2.21 -0.40 18.94
C PRO A 206 -3.38 -1.34 18.61
N ALA A 207 -3.57 -2.36 19.43
CA ALA A 207 -4.69 -3.29 19.29
C ALA A 207 -6.05 -2.56 19.33
N GLU A 208 -6.09 -1.42 20.02
CA GLU A 208 -7.32 -0.64 20.16
C GLU A 208 -7.79 -0.02 18.84
N PHE A 209 -6.90 0.13 17.87
CA PHE A 209 -7.26 0.59 16.53
C PHE A 209 -7.91 -0.59 15.81
N SER A 210 -9.18 -0.84 16.14
CA SER A 210 -9.85 -2.07 15.74
C SER A 210 -10.21 -2.06 14.26
N GLY A 211 -10.44 -0.87 13.71
CA GLY A 211 -10.65 -0.67 12.28
C GLY A 211 -9.39 -0.89 11.47
N VAL A 212 -8.28 -0.35 11.94
CA VAL A 212 -7.01 -0.56 11.27
C VAL A 212 -6.73 -2.06 11.19
N TRP A 213 -6.87 -2.77 12.30
CA TRP A 213 -6.60 -4.21 12.31
C TRP A 213 -7.61 -5.07 11.49
N ARG A 214 -8.86 -4.65 11.44
CA ARG A 214 -9.87 -5.33 10.62
C ARG A 214 -9.37 -5.26 9.20
N TYR A 215 -8.95 -4.07 8.78
CA TYR A 215 -8.45 -3.84 7.44
C TYR A 215 -7.19 -4.65 7.15
N LEU A 216 -6.19 -4.58 8.03
CA LEU A 216 -4.96 -5.35 7.82
C LEU A 216 -5.20 -6.87 7.74
N HIS A 217 -6.04 -7.42 8.61
CA HIS A 217 -6.31 -8.87 8.57
C HIS A 217 -7.02 -9.28 7.28
N ASN A 218 -7.96 -8.46 6.84
CA ASN A 218 -8.60 -8.65 5.54
C ASN A 218 -7.63 -8.55 4.36
N ALA A 219 -6.78 -7.52 4.36
CA ALA A 219 -5.81 -7.32 3.28
C ALA A 219 -4.77 -8.43 3.24
N TYR A 220 -4.16 -8.78 4.39
CA TYR A 220 -3.17 -9.84 4.43
C TYR A 220 -3.80 -11.22 4.10
N ALA A 221 -5.13 -11.33 4.18
CA ALA A 221 -5.82 -12.52 3.65
C ALA A 221 -5.84 -12.58 2.11
N ARG A 222 -5.47 -11.48 1.44
CA ARG A 222 -5.50 -11.43 -0.03
C ARG A 222 -4.14 -11.64 -0.66
N GLU A 223 -4.07 -12.59 -1.57
CA GLU A 223 -2.82 -12.93 -2.25
C GLU A 223 -2.25 -11.72 -3.00
N GLU A 224 -3.11 -10.87 -3.56
CA GLU A 224 -2.65 -9.74 -4.36
C GLU A 224 -1.80 -8.78 -3.49
N PHE A 225 -2.09 -8.75 -2.19
CA PHE A 225 -1.28 -7.95 -1.25
C PHE A 225 -0.09 -8.71 -0.71
N THR A 226 -0.36 -9.84 -0.07
CA THR A 226 0.71 -10.59 0.63
C THR A 226 1.83 -11.09 -0.30
N HIS A 227 1.46 -11.52 -1.51
CA HIS A 227 2.41 -12.11 -2.44
C HIS A 227 3.16 -11.07 -3.25
N THR A 228 2.74 -9.81 -3.15
CA THR A 228 3.50 -8.70 -3.72
C THR A 228 4.39 -8.01 -2.68
N CYS A 229 4.25 -8.38 -1.42
CA CYS A 229 5.12 -7.84 -0.37
C CYS A 229 6.53 -8.40 -0.50
N PRO A 230 7.55 -7.57 -0.20
CA PRO A 230 8.86 -8.16 -0.11
C PRO A 230 8.96 -8.92 1.22
N GLU A 231 9.93 -9.79 1.31
CA GLU A 231 10.31 -10.32 2.63
C GLU A 231 10.59 -9.17 3.62
N ASP A 232 10.07 -9.29 4.83
CA ASP A 232 10.30 -8.30 5.89
C ASP A 232 11.74 -7.84 5.97
N LYS A 233 12.69 -8.73 5.75
CA LYS A 233 14.14 -8.39 5.87
C LYS A 233 14.54 -7.27 4.91
N GLU A 234 13.93 -7.26 3.73
CA GLU A 234 14.20 -6.19 2.74
C GLU A 234 13.87 -4.82 3.29
N ILE A 235 12.73 -4.72 3.95
CA ILE A 235 12.29 -3.47 4.58
C ILE A 235 13.20 -3.11 5.73
N GLU A 236 13.58 -4.11 6.53
CA GLU A 236 14.49 -3.88 7.64
C GLU A 236 15.85 -3.36 7.14
N ASN A 237 16.32 -3.97 6.05
CA ASN A 237 17.59 -3.53 5.45
C ASN A 237 17.52 -2.04 5.04
N THR A 238 16.39 -1.63 4.48
CA THR A 238 16.22 -0.22 4.08
C THR A 238 16.58 0.74 5.22
N TYR A 239 16.15 0.43 6.43
CA TYR A 239 16.22 1.37 7.56
C TYR A 239 17.35 1.09 8.55
N ALA A 240 18.20 0.12 8.21
CA ALA A 240 19.27 -0.35 9.11
C ALA A 240 20.24 0.76 9.49
N ASN A 241 20.48 1.69 8.59
CA ASN A 241 21.38 2.79 8.91
C ASN A 241 20.71 4.11 9.34
N VAL A 242 19.43 4.31 9.04
CA VAL A 242 18.80 5.56 9.44
C VAL A 242 18.07 5.44 10.80
N ALA A 243 17.60 4.23 11.12
CA ALA A 243 16.70 4.03 12.27
C ALA A 243 17.40 3.59 13.55
N LYS A 244 18.72 3.62 13.57
CA LYS A 244 19.44 3.22 14.78
C LYS A 244 19.82 4.47 15.58
N GLN A 245 19.38 4.50 16.83
CA GLN A 245 19.62 5.62 17.77
C GLN A 245 20.71 5.27 18.77
#